data_1KQA
#
_entry.id   1KQA
#
_cell.length_a   65.700
_cell.length_b   182.500
_cell.length_c   121.200
_cell.angle_alpha   90.00
_cell.angle_beta   90.00
_cell.angle_gamma   90.00
#
_symmetry.space_group_name_H-M   'C 2 2 21'
#
loop_
_entity.id
_entity.type
_entity.pdbx_description
1 polymer 'GALACTOSIDE O-ACETYLTRANSFERASE'
2 non-polymer 'COENZYME A'
#
_entity_poly.entity_id   1
_entity_poly.type   'polypeptide(L)'
_entity_poly.pdbx_seq_one_letter_code
;MNMPMTERIRAGKLFTDMCEGLPEKRLRGKTLMYEFNHSHPSEVEKRESLIKEMFATVGENAWVEPPVYFSYGSNIHIGR
NFYANFNLTIVDDYTVTIGDNVLIAPNVTLSVTGHPVHHELRKNGEMYSFPITIGNNVWIGSHVVINPGVTIGDNSVIGA
GSIVTKDIPPNVVAAGVPCRVIREINDRDKHYYFKDYKVESSV
;
_entity_poly.pdbx_strand_id   A,B,C
#
# COMPACT_ATOMS: atom_id res chain seq x y z
N ASN A 2 26.53 -4.29 -29.79
CA ASN A 2 26.44 -2.81 -29.76
C ASN A 2 24.97 -2.30 -29.69
N MET A 3 24.57 -1.78 -28.52
CA MET A 3 23.20 -1.25 -28.30
C MET A 3 22.99 -0.39 -27.02
N PRO A 4 22.67 0.92 -27.16
CA PRO A 4 22.45 1.78 -25.99
C PRO A 4 21.43 1.18 -25.09
N MET A 5 21.32 1.79 -23.93
CA MET A 5 20.37 1.34 -22.98
C MET A 5 18.98 1.71 -23.54
N THR A 6 18.91 2.76 -24.37
CA THR A 6 17.61 3.26 -24.88
C THR A 6 16.92 2.19 -25.70
N GLU A 7 17.74 1.61 -26.56
CA GLU A 7 17.36 0.54 -27.45
C GLU A 7 17.18 -0.79 -26.69
N ARG A 8 17.91 -0.97 -25.59
CA ARG A 8 17.80 -2.19 -24.79
C ARG A 8 16.45 -2.28 -24.10
N ILE A 9 15.94 -1.15 -23.63
CA ILE A 9 14.65 -1.12 -22.96
C ILE A 9 13.56 -1.49 -23.95
N ARG A 10 13.67 -0.92 -25.14
CA ARG A 10 12.71 -1.17 -26.20
C ARG A 10 12.79 -2.64 -26.62
N ALA A 11 14.00 -3.18 -26.62
CA ALA A 11 14.23 -4.56 -27.03
C ALA A 11 13.83 -5.58 -25.97
N GLY A 12 13.57 -5.11 -24.75
CA GLY A 12 13.17 -6.04 -23.70
C GLY A 12 14.38 -6.62 -22.99
N LYS A 13 15.58 -6.19 -23.40
CA LYS A 13 16.83 -6.66 -22.82
C LYS A 13 17.13 -5.94 -21.50
N LEU A 14 18.02 -6.51 -20.67
CA LEU A 14 18.37 -5.90 -19.40
C LEU A 14 19.04 -4.57 -19.65
N PHE A 15 18.92 -3.65 -18.69
CA PHE A 15 19.53 -2.33 -18.80
C PHE A 15 19.67 -1.68 -17.44
N THR A 16 20.26 -0.49 -17.42
CA THR A 16 20.42 0.28 -16.19
C THR A 16 20.19 1.71 -16.64
N ASP A 17 19.64 2.56 -15.77
CA ASP A 17 19.31 3.91 -16.20
C ASP A 17 20.08 5.13 -15.68
N MET A 18 21.39 5.00 -15.49
CA MET A 18 22.17 6.13 -14.99
C MET A 18 22.99 6.79 -16.11
N CYS A 19 22.39 6.87 -17.30
CA CYS A 19 23.02 7.49 -18.47
C CYS A 19 22.00 7.74 -19.57
N GLU A 20 22.47 8.37 -20.63
CA GLU A 20 21.65 8.70 -21.80
C GLU A 20 20.53 9.66 -21.49
N GLY A 21 20.73 10.47 -20.45
CA GLY A 21 19.75 11.46 -20.06
C GLY A 21 18.57 10.96 -19.25
N LEU A 22 18.46 9.65 -19.08
CA LEU A 22 17.35 9.06 -18.36
C LEU A 22 17.21 9.74 -16.99
N PRO A 23 18.27 9.69 -16.16
CA PRO A 23 18.18 10.33 -14.85
C PRO A 23 17.56 11.72 -14.94
N GLU A 24 18.00 12.50 -15.93
CA GLU A 24 17.51 13.86 -16.06
C GLU A 24 16.06 13.88 -16.48
N LYS A 25 15.68 12.86 -17.23
CA LYS A 25 14.29 12.75 -17.60
C LYS A 25 13.46 12.48 -16.35
N ARG A 26 13.93 11.57 -15.50
CA ARG A 26 13.28 11.18 -14.26
C ARG A 26 13.03 12.38 -13.32
N LEU A 27 14.02 13.25 -13.24
CA LEU A 27 13.97 14.46 -12.41
C LEU A 27 12.87 15.41 -12.87
N ARG A 28 12.75 15.61 -14.18
CA ARG A 28 11.72 16.48 -14.71
C ARG A 28 10.34 15.98 -14.27
N GLY A 29 10.11 14.66 -14.38
CA GLY A 29 8.83 14.11 -14.01
C GLY A 29 8.51 14.13 -12.53
N LYS A 30 9.51 13.84 -11.72
CA LYS A 30 9.32 13.83 -10.28
C LYS A 30 9.20 15.24 -9.75
N THR A 31 9.59 16.22 -10.56
CA THR A 31 9.46 17.61 -10.13
C THR A 31 7.99 18.02 -10.22
N LEU A 32 7.34 17.63 -11.32
CA LEU A 32 5.93 17.94 -11.53
C LEU A 32 5.14 17.09 -10.59
N MET A 33 5.64 15.88 -10.36
CA MET A 33 5.00 14.95 -9.45
C MET A 33 4.96 15.60 -8.07
N TYR A 34 6.10 16.09 -7.62
CA TYR A 34 6.18 16.74 -6.33
C TYR A 34 5.14 17.86 -6.24
N GLU A 35 5.14 18.76 -7.21
CA GLU A 35 4.17 19.86 -7.20
C GLU A 35 2.75 19.36 -7.14
N PHE A 36 2.46 18.28 -7.87
CA PHE A 36 1.11 17.74 -7.88
C PHE A 36 0.76 17.19 -6.49
N ASN A 37 1.65 16.36 -5.95
CA ASN A 37 1.42 15.73 -4.67
C ASN A 37 1.30 16.65 -3.48
N HIS A 38 1.96 17.80 -3.53
CA HIS A 38 1.90 18.75 -2.41
C HIS A 38 1.02 19.96 -2.65
N SER A 39 0.17 19.87 -3.68
CA SER A 39 -0.76 20.94 -4.04
C SER A 39 -1.99 20.91 -3.14
N HIS A 40 -2.52 22.09 -2.86
CA HIS A 40 -3.71 22.25 -2.01
C HIS A 40 -4.94 21.77 -2.76
N PRO A 41 -5.85 21.06 -2.07
CA PRO A 41 -7.06 20.57 -2.74
C PRO A 41 -7.85 21.62 -3.54
N SER A 42 -7.61 22.89 -3.27
CA SER A 42 -8.33 23.94 -3.96
C SER A 42 -7.62 24.34 -5.24
N GLU A 43 -6.36 23.96 -5.38
CA GLU A 43 -5.63 24.27 -6.60
C GLU A 43 -6.14 23.39 -7.72
N VAL A 44 -7.43 23.46 -7.99
CA VAL A 44 -8.07 22.65 -9.02
C VAL A 44 -7.50 22.86 -10.41
N GLU A 45 -7.48 24.11 -10.87
CA GLU A 45 -6.95 24.38 -12.20
C GLU A 45 -5.54 23.79 -12.33
N LYS A 46 -4.66 24.22 -11.43
CA LYS A 46 -3.28 23.74 -11.43
C LYS A 46 -3.19 22.21 -11.52
N ARG A 47 -3.96 21.50 -10.71
CA ARG A 47 -3.95 20.03 -10.70
C ARG A 47 -4.31 19.43 -12.04
N GLU A 48 -5.24 20.09 -12.73
CA GLU A 48 -5.65 19.63 -14.02
C GLU A 48 -4.54 19.84 -15.06
N SER A 49 -3.88 20.99 -14.98
CA SER A 49 -2.81 21.31 -15.92
C SER A 49 -1.57 20.45 -15.67
N LEU A 50 -1.34 20.09 -14.42
CA LEU A 50 -0.18 19.26 -14.10
C LEU A 50 -0.35 17.86 -14.66
N ILE A 51 -1.59 17.41 -14.70
CA ILE A 51 -1.87 16.09 -15.20
C ILE A 51 -1.50 15.98 -16.68
N LYS A 52 -1.99 16.92 -17.49
CA LYS A 52 -1.74 16.91 -18.93
C LYS A 52 -0.25 17.11 -19.21
N GLU A 53 0.45 17.61 -18.19
CA GLU A 53 1.90 17.86 -18.20
C GLU A 53 2.67 16.60 -17.88
N MET A 54 2.28 16.00 -16.76
CA MET A 54 2.93 14.85 -16.20
C MET A 54 3.02 13.61 -17.09
N PHE A 55 1.88 13.21 -17.62
CA PHE A 55 1.77 12.04 -18.46
C PHE A 55 1.97 12.34 -19.95
N ALA A 56 2.33 11.31 -20.71
CA ALA A 56 2.56 11.43 -22.14
C ALA A 56 1.24 11.83 -22.80
N THR A 57 0.18 11.10 -22.47
CA THR A 57 -1.12 11.37 -23.03
C THR A 57 -2.21 11.24 -21.99
N VAL A 58 -3.22 12.09 -22.08
CA VAL A 58 -4.36 12.08 -21.15
C VAL A 58 -5.59 12.42 -21.98
N GLY A 59 -6.64 11.62 -21.88
CA GLY A 59 -7.88 11.90 -22.61
C GLY A 59 -8.63 12.91 -21.79
N GLU A 60 -9.77 13.39 -22.29
CA GLU A 60 -10.60 14.39 -21.62
C GLU A 60 -11.21 13.79 -20.34
N ASN A 61 -11.42 14.62 -19.32
CA ASN A 61 -12.06 14.17 -18.07
C ASN A 61 -11.25 13.24 -17.19
N ALA A 62 -9.94 13.46 -17.12
CA ALA A 62 -9.10 12.60 -16.33
C ALA A 62 -8.98 13.09 -14.90
N TRP A 63 -8.99 12.16 -13.94
CA TRP A 63 -8.83 12.54 -12.56
C TRP A 63 -7.93 11.59 -11.78
N VAL A 64 -6.92 12.18 -11.15
CA VAL A 64 -5.98 11.47 -10.30
C VAL A 64 -5.98 12.13 -8.93
N GLU A 65 -6.33 11.35 -7.91
CA GLU A 65 -6.33 11.85 -6.53
C GLU A 65 -4.95 11.81 -5.99
N PRO A 66 -4.38 12.96 -5.65
CA PRO A 66 -3.02 12.86 -5.11
C PRO A 66 -2.97 12.11 -3.77
N PRO A 67 -1.82 11.52 -3.44
CA PRO A 67 -0.59 11.53 -4.24
C PRO A 67 -0.53 10.47 -5.34
N VAL A 68 0.32 10.74 -6.31
CA VAL A 68 0.57 9.85 -7.43
C VAL A 68 2.08 9.64 -7.47
N TYR A 69 2.51 8.41 -7.77
CA TYR A 69 3.94 8.11 -7.88
C TYR A 69 4.28 7.40 -9.17
N PHE A 70 5.33 7.87 -9.84
CA PHE A 70 5.74 7.24 -11.09
C PHE A 70 7.21 7.52 -11.29
N SER A 71 7.82 6.89 -12.27
CA SER A 71 9.23 7.12 -12.49
C SER A 71 9.50 8.22 -13.48
N TYR A 72 8.78 8.21 -14.59
CA TYR A 72 8.95 9.20 -15.62
C TYR A 72 7.65 9.94 -15.85
N GLY A 73 6.55 9.22 -15.84
CA GLY A 73 5.27 9.85 -16.10
C GLY A 73 5.02 10.01 -17.60
N SER A 74 6.06 10.34 -18.36
CA SER A 74 5.92 10.51 -19.81
C SER A 74 5.89 9.23 -20.63
N ASN A 75 5.84 8.09 -19.94
CA ASN A 75 5.78 6.79 -20.60
C ASN A 75 4.40 6.25 -20.37
N ILE A 76 3.56 7.05 -19.70
CA ILE A 76 2.20 6.64 -19.42
C ILE A 76 1.22 7.34 -20.35
N HIS A 77 0.34 6.56 -20.94
CA HIS A 77 -0.67 7.06 -21.85
C HIS A 77 -2.04 6.68 -21.29
N ILE A 78 -2.87 7.68 -21.06
CA ILE A 78 -4.21 7.46 -20.52
C ILE A 78 -5.33 7.88 -21.48
N GLY A 79 -6.39 7.08 -21.50
CA GLY A 79 -7.52 7.37 -22.37
C GLY A 79 -8.40 8.44 -21.78
N ARG A 80 -9.70 8.37 -22.02
CA ARG A 80 -10.62 9.37 -21.49
C ARG A 80 -11.43 8.83 -20.34
N ASN A 81 -11.96 9.74 -19.53
CA ASN A 81 -12.79 9.41 -18.37
C ASN A 81 -12.07 8.48 -17.37
N PHE A 82 -10.78 8.76 -17.19
CA PHE A 82 -9.95 7.99 -16.30
C PHE A 82 -10.02 8.54 -14.89
N TYR A 83 -10.26 7.64 -13.93
CA TYR A 83 -10.30 8.02 -12.53
C TYR A 83 -9.41 7.09 -11.69
N ALA A 84 -8.41 7.67 -11.05
CA ALA A 84 -7.52 6.92 -10.18
C ALA A 84 -7.67 7.55 -8.82
N ASN A 85 -7.83 6.72 -7.80
CA ASN A 85 -7.97 7.20 -6.45
C ASN A 85 -6.58 7.34 -5.81
N PHE A 86 -6.56 7.65 -4.51
CA PHE A 86 -5.34 7.84 -3.73
C PHE A 86 -4.18 6.88 -3.99
N ASN A 87 -2.97 7.42 -3.98
CA ASN A 87 -1.74 6.66 -4.12
C ASN A 87 -1.55 5.71 -5.29
N LEU A 88 -1.91 6.15 -6.48
CA LEU A 88 -1.67 5.28 -7.61
C LEU A 88 -0.14 5.28 -7.81
N THR A 89 0.45 4.11 -7.99
CA THR A 89 1.89 4.03 -8.21
C THR A 89 2.14 3.39 -9.56
N ILE A 90 2.90 4.05 -10.42
CA ILE A 90 3.18 3.50 -11.73
C ILE A 90 4.65 3.55 -12.08
N VAL A 91 5.29 2.39 -12.07
CA VAL A 91 6.70 2.33 -12.40
C VAL A 91 6.79 2.23 -13.90
N ASP A 92 6.95 3.38 -14.54
CA ASP A 92 6.97 3.42 -15.98
C ASP A 92 8.31 3.65 -16.61
N ASP A 93 9.21 2.70 -16.44
CA ASP A 93 10.52 2.79 -17.06
C ASP A 93 10.28 2.60 -18.55
N TYR A 94 9.13 2.01 -18.88
CA TYR A 94 8.71 1.83 -20.26
C TYR A 94 7.20 2.00 -20.34
N THR A 95 6.71 2.16 -21.57
CA THR A 95 5.32 2.38 -21.86
C THR A 95 4.24 1.67 -21.06
N VAL A 96 3.24 2.45 -20.67
CA VAL A 96 2.08 1.95 -19.95
C VAL A 96 0.90 2.57 -20.69
N THR A 97 -0.07 1.75 -21.07
CA THR A 97 -1.22 2.21 -21.80
C THR A 97 -2.50 1.83 -21.08
N ILE A 98 -3.37 2.82 -20.85
CA ILE A 98 -4.63 2.59 -20.19
C ILE A 98 -5.74 3.07 -21.12
N GLY A 99 -6.84 2.33 -21.19
CA GLY A 99 -7.93 2.70 -22.07
C GLY A 99 -8.88 3.73 -21.50
N ASP A 100 -10.13 3.71 -21.94
CA ASP A 100 -11.13 4.67 -21.49
C ASP A 100 -12.04 4.10 -20.44
N ASN A 101 -12.52 4.97 -19.56
CA ASN A 101 -13.42 4.55 -18.49
C ASN A 101 -12.80 3.55 -17.53
N VAL A 102 -11.49 3.70 -17.31
CA VAL A 102 -10.75 2.86 -16.39
C VAL A 102 -10.87 3.47 -14.98
N LEU A 103 -11.23 2.62 -14.02
CA LEU A 103 -11.40 2.99 -12.63
C LEU A 103 -10.34 2.25 -11.80
N ILE A 104 -9.55 3.01 -11.03
CA ILE A 104 -8.52 2.43 -10.18
C ILE A 104 -8.76 2.79 -8.73
N ALA A 105 -8.95 1.76 -7.91
CA ALA A 105 -9.17 1.93 -6.50
C ALA A 105 -7.88 2.43 -5.85
N PRO A 106 -7.94 2.80 -4.56
CA PRO A 106 -6.76 3.29 -3.84
C PRO A 106 -5.65 2.26 -3.70
N ASN A 107 -4.43 2.75 -3.57
CA ASN A 107 -3.23 1.95 -3.38
C ASN A 107 -3.04 0.83 -4.39
N VAL A 108 -2.84 1.21 -5.63
CA VAL A 108 -2.65 0.26 -6.69
C VAL A 108 -1.28 0.53 -7.25
N THR A 109 -0.56 -0.55 -7.54
CA THR A 109 0.78 -0.39 -8.06
C THR A 109 0.91 -0.98 -9.43
N LEU A 110 1.34 -0.18 -10.38
CA LEU A 110 1.52 -0.74 -11.72
C LEU A 110 3.02 -0.87 -11.98
N SER A 111 3.52 -1.93 -12.63
CA SER A 111 4.98 -1.99 -12.85
C SER A 111 5.42 -2.67 -14.15
N VAL A 112 6.03 -1.94 -15.07
CA VAL A 112 6.50 -2.54 -16.32
C VAL A 112 7.87 -3.16 -16.05
N THR A 113 8.46 -2.75 -14.94
CA THR A 113 9.79 -3.17 -14.55
C THR A 113 9.96 -4.29 -13.51
N GLY A 114 11.04 -5.04 -13.68
CA GLY A 114 11.34 -6.10 -12.75
C GLY A 114 12.83 -6.29 -12.81
N HIS A 115 13.33 -7.28 -12.09
CA HIS A 115 14.75 -7.58 -12.04
C HIS A 115 15.00 -9.07 -12.23
N PRO A 116 16.14 -9.40 -12.86
CA PRO A 116 16.45 -10.82 -13.02
C PRO A 116 16.33 -11.49 -11.65
N VAL A 117 15.82 -12.73 -11.60
CA VAL A 117 15.69 -13.44 -10.33
C VAL A 117 17.07 -13.72 -9.79
N HIS A 118 17.98 -14.04 -10.70
CA HIS A 118 19.35 -14.33 -10.34
C HIS A 118 20.15 -13.12 -9.88
N HIS A 119 20.61 -13.21 -8.65
CA HIS A 119 21.35 -12.11 -8.09
C HIS A 119 22.59 -11.76 -8.88
N GLU A 120 22.96 -12.66 -9.77
CA GLU A 120 24.17 -12.53 -10.54
C GLU A 120 23.98 -11.67 -11.78
N LEU A 121 22.71 -11.56 -12.13
CA LEU A 121 22.28 -10.79 -13.27
C LEU A 121 21.97 -9.38 -12.86
N ARG A 122 21.90 -9.09 -11.57
CA ARG A 122 21.58 -7.76 -11.11
C ARG A 122 22.65 -7.23 -10.17
N LYS A 123 23.92 -7.54 -10.48
CA LYS A 123 25.01 -7.07 -9.64
C LYS A 123 24.94 -5.56 -9.52
N ASN A 124 24.51 -4.90 -10.60
CA ASN A 124 24.38 -3.45 -10.66
C ASN A 124 22.90 -3.03 -10.72
N GLY A 125 22.02 -3.93 -10.28
CA GLY A 125 20.58 -3.66 -10.21
C GLY A 125 20.03 -3.47 -11.58
N GLU A 126 20.22 -4.47 -12.36
CA GLU A 126 19.78 -4.47 -13.70
C GLU A 126 18.33 -4.89 -13.81
N MET A 127 17.63 -4.26 -14.71
CA MET A 127 16.21 -4.50 -14.88
C MET A 127 15.82 -4.69 -16.32
N TYR A 128 14.59 -5.20 -16.48
CA TYR A 128 13.98 -5.40 -17.78
C TYR A 128 12.65 -4.64 -17.72
N SER A 129 12.16 -4.18 -18.87
CA SER A 129 10.89 -3.45 -18.91
C SER A 129 10.02 -3.93 -20.04
N PHE A 130 8.82 -4.37 -19.66
CA PHE A 130 7.85 -4.87 -20.62
C PHE A 130 6.54 -4.13 -20.40
N PRO A 131 6.09 -3.34 -21.40
CA PRO A 131 4.86 -2.55 -21.36
C PRO A 131 3.63 -3.23 -20.78
N ILE A 132 2.78 -2.43 -20.14
CA ILE A 132 1.53 -2.91 -19.54
C ILE A 132 0.42 -2.33 -20.40
N THR A 133 -0.65 -3.09 -20.61
CA THR A 133 -1.76 -2.66 -21.45
C THR A 133 -3.09 -2.96 -20.79
N ILE A 134 -3.82 -1.92 -20.41
CA ILE A 134 -5.13 -2.06 -19.77
C ILE A 134 -6.25 -1.73 -20.76
N GLY A 135 -7.17 -2.66 -20.96
CA GLY A 135 -8.24 -2.42 -21.91
C GLY A 135 -9.15 -1.31 -21.48
N ASN A 136 -10.29 -1.17 -22.15
CA ASN A 136 -11.25 -0.14 -21.80
C ASN A 136 -12.19 -0.71 -20.77
N ASN A 137 -12.85 0.18 -20.04
CA ASN A 137 -13.82 -0.13 -19.01
C ASN A 137 -13.40 -1.14 -17.95
N VAL A 138 -12.11 -1.10 -17.61
CA VAL A 138 -11.51 -1.98 -16.63
C VAL A 138 -11.62 -1.36 -15.23
N TRP A 139 -11.96 -2.17 -14.23
CA TRP A 139 -12.03 -1.65 -12.87
C TRP A 139 -11.03 -2.44 -12.03
N ILE A 140 -10.11 -1.72 -11.37
CA ILE A 140 -9.08 -2.37 -10.57
C ILE A 140 -9.26 -2.10 -9.08
N GLY A 141 -9.39 -3.18 -8.32
CA GLY A 141 -9.58 -3.08 -6.87
C GLY A 141 -8.38 -2.54 -6.10
N SER A 142 -8.53 -2.42 -4.78
CA SER A 142 -7.48 -1.90 -3.91
C SER A 142 -6.33 -2.85 -3.74
N HIS A 143 -5.17 -2.28 -3.45
CA HIS A 143 -3.96 -3.04 -3.21
C HIS A 143 -3.60 -4.07 -4.28
N VAL A 144 -4.03 -3.81 -5.51
CA VAL A 144 -3.74 -4.71 -6.60
C VAL A 144 -2.36 -4.32 -7.14
N VAL A 145 -1.62 -5.31 -7.64
CA VAL A 145 -0.31 -5.06 -8.24
C VAL A 145 -0.35 -5.64 -9.64
N ILE A 146 0.13 -4.90 -10.63
CA ILE A 146 0.16 -5.44 -11.97
C ILE A 146 1.60 -5.50 -12.40
N ASN A 147 2.06 -6.71 -12.68
CA ASN A 147 3.45 -6.96 -13.05
C ASN A 147 3.79 -6.68 -14.50
N PRO A 148 5.09 -6.72 -14.84
CA PRO A 148 5.59 -6.49 -16.19
C PRO A 148 4.88 -7.19 -17.35
N GLY A 149 4.80 -6.47 -18.46
CA GLY A 149 4.20 -6.98 -19.68
C GLY A 149 2.82 -7.58 -19.60
N VAL A 150 2.04 -7.20 -18.61
CA VAL A 150 0.70 -7.75 -18.44
C VAL A 150 -0.34 -7.01 -19.28
N THR A 151 -1.30 -7.75 -19.83
CA THR A 151 -2.37 -7.15 -20.61
C THR A 151 -3.71 -7.53 -19.96
N ILE A 152 -4.55 -6.53 -19.70
CA ILE A 152 -5.86 -6.76 -19.08
C ILE A 152 -6.87 -6.50 -20.17
N GLY A 153 -7.72 -7.49 -20.45
CA GLY A 153 -8.68 -7.36 -21.52
C GLY A 153 -9.79 -6.40 -21.13
N ASP A 154 -10.30 -5.67 -22.11
CA ASP A 154 -11.38 -4.71 -21.86
C ASP A 154 -12.46 -5.30 -20.96
N ASN A 155 -13.23 -4.40 -20.35
CA ASN A 155 -14.39 -4.72 -19.48
C ASN A 155 -14.09 -5.73 -18.38
N SER A 156 -12.84 -5.94 -18.04
CA SER A 156 -12.54 -6.96 -17.02
C SER A 156 -12.47 -6.27 -15.67
N VAL A 157 -12.65 -7.05 -14.61
CA VAL A 157 -12.60 -6.54 -13.24
C VAL A 157 -11.52 -7.29 -12.45
N ILE A 158 -10.67 -6.55 -11.75
CA ILE A 158 -9.61 -7.12 -10.92
C ILE A 158 -9.98 -6.87 -9.48
N GLY A 159 -10.20 -7.94 -8.73
CA GLY A 159 -10.54 -7.83 -7.33
C GLY A 159 -9.41 -7.28 -6.51
N ALA A 160 -9.75 -6.72 -5.35
CA ALA A 160 -8.77 -6.14 -4.44
C ALA A 160 -7.71 -7.11 -4.01
N GLY A 161 -6.48 -6.64 -3.93
CA GLY A 161 -5.39 -7.47 -3.48
C GLY A 161 -4.84 -8.41 -4.51
N SER A 162 -5.39 -8.37 -5.72
CA SER A 162 -4.93 -9.23 -6.79
C SER A 162 -3.47 -8.95 -7.14
N ILE A 163 -2.72 -9.98 -7.47
CA ILE A 163 -1.34 -9.83 -7.89
C ILE A 163 -1.36 -10.41 -9.29
N VAL A 164 -1.39 -9.54 -10.29
CA VAL A 164 -1.48 -9.95 -11.68
C VAL A 164 -0.14 -10.22 -12.35
N THR A 165 0.10 -11.50 -12.67
CA THR A 165 1.34 -11.89 -13.30
C THR A 165 1.12 -12.36 -14.74
N LYS A 166 -0.11 -12.74 -15.06
CA LYS A 166 -0.45 -13.23 -16.39
C LYS A 166 -1.51 -12.34 -17.00
N ASP A 167 -1.65 -12.37 -18.33
CA ASP A 167 -2.67 -11.56 -19.02
C ASP A 167 -4.08 -11.95 -18.62
N ILE A 168 -4.96 -10.97 -18.46
CA ILE A 168 -6.34 -11.24 -18.11
C ILE A 168 -7.20 -11.06 -19.35
N PRO A 169 -8.02 -12.06 -19.67
CA PRO A 169 -8.84 -11.89 -20.86
C PRO A 169 -9.95 -10.84 -20.67
N PRO A 170 -10.54 -10.36 -21.76
CA PRO A 170 -11.62 -9.37 -21.61
C PRO A 170 -12.85 -10.01 -21.01
N ASN A 171 -13.79 -9.19 -20.56
CA ASN A 171 -15.05 -9.66 -19.97
C ASN A 171 -14.97 -10.67 -18.84
N VAL A 172 -14.01 -10.51 -17.95
CA VAL A 172 -13.90 -11.44 -16.83
C VAL A 172 -13.70 -10.75 -15.49
N VAL A 173 -14.04 -11.51 -14.46
CA VAL A 173 -13.81 -11.12 -13.08
C VAL A 173 -12.63 -11.98 -12.61
N ALA A 174 -11.51 -11.34 -12.29
CA ALA A 174 -10.33 -12.06 -11.88
C ALA A 174 -9.89 -11.59 -10.49
N ALA A 175 -9.29 -12.50 -9.73
CA ALA A 175 -8.83 -12.18 -8.39
C ALA A 175 -7.91 -13.26 -7.87
N GLY A 176 -7.26 -12.99 -6.74
CA GLY A 176 -6.38 -13.95 -6.13
C GLY A 176 -4.91 -13.62 -6.13
N VAL A 177 -4.14 -14.47 -5.44
CA VAL A 177 -2.70 -14.33 -5.38
C VAL A 177 -2.09 -15.70 -5.70
N PRO A 178 -1.61 -15.91 -6.93
CA PRO A 178 -1.61 -14.96 -8.04
C PRO A 178 -3.02 -14.87 -8.59
N CYS A 179 -3.28 -13.84 -9.40
CA CYS A 179 -4.59 -13.59 -10.02
C CYS A 179 -5.04 -14.74 -10.93
N ARG A 180 -6.30 -15.17 -10.75
CA ARG A 180 -6.93 -16.23 -11.54
C ARG A 180 -8.28 -15.76 -12.04
N VAL A 181 -8.61 -16.14 -13.27
CA VAL A 181 -9.92 -15.78 -13.78
C VAL A 181 -10.93 -16.51 -12.90
N ILE A 182 -11.90 -15.78 -12.39
CA ILE A 182 -12.91 -16.39 -11.54
C ILE A 182 -14.14 -16.79 -12.34
N ARG A 183 -14.62 -15.89 -13.16
CA ARG A 183 -15.81 -16.15 -13.93
C ARG A 183 -15.92 -15.17 -15.07
N GLU A 184 -16.91 -15.41 -15.92
CA GLU A 184 -17.17 -14.59 -17.07
C GLU A 184 -18.20 -13.59 -16.62
N ILE A 185 -18.13 -12.37 -17.12
CA ILE A 185 -19.12 -11.37 -16.74
C ILE A 185 -20.32 -11.59 -17.65
N ASN A 186 -21.41 -12.11 -17.10
CA ASN A 186 -22.59 -12.36 -17.92
C ASN A 186 -23.67 -11.28 -17.78
N ASP A 187 -24.82 -11.56 -18.37
CA ASP A 187 -25.93 -10.63 -18.35
C ASP A 187 -26.65 -10.62 -17.04
N ARG A 188 -26.31 -11.56 -16.16
CA ARG A 188 -26.90 -11.59 -14.84
C ARG A 188 -26.30 -10.44 -14.04
N ASP A 189 -25.23 -9.86 -14.58
CA ASP A 189 -24.51 -8.75 -13.98
C ASP A 189 -25.09 -7.44 -14.43
N LYS A 190 -25.88 -7.54 -15.49
CA LYS A 190 -26.53 -6.36 -16.03
C LYS A 190 -27.73 -5.96 -15.15
N HIS A 191 -28.14 -6.81 -14.20
CA HIS A 191 -29.27 -6.59 -13.25
C HIS A 191 -28.75 -6.50 -11.82
N TYR A 192 -27.84 -7.39 -11.47
CA TYR A 192 -27.25 -7.41 -10.14
C TYR A 192 -25.93 -6.65 -10.13
N TYR A 193 -25.63 -5.99 -9.01
CA TYR A 193 -24.38 -5.24 -8.90
C TYR A 193 -23.66 -5.54 -7.58
N PHE A 194 -24.42 -6.01 -6.58
CA PHE A 194 -23.87 -6.35 -5.28
C PHE A 194 -24.77 -7.36 -4.60
N LYS A 195 -24.19 -8.51 -4.27
CA LYS A 195 -24.92 -9.58 -3.60
C LYS A 195 -26.26 -9.86 -4.31
N ASP A 196 -27.34 -9.25 -3.82
CA ASP A 196 -28.63 -9.48 -4.45
C ASP A 196 -29.40 -8.20 -4.69
N TYR A 197 -28.69 -7.16 -5.12
CA TYR A 197 -29.30 -5.87 -5.40
C TYR A 197 -29.46 -5.72 -6.91
N LYS A 198 -30.71 -5.64 -7.37
CA LYS A 198 -31.01 -5.49 -8.79
C LYS A 198 -31.25 -4.02 -9.13
N VAL A 199 -31.52 -3.75 -10.40
CA VAL A 199 -31.77 -2.39 -10.89
C VAL A 199 -33.13 -2.32 -11.62
N GLU A 200 -33.94 -1.31 -11.29
CA GLU A 200 -35.28 -1.11 -11.87
C GLU A 200 -35.37 0.19 -12.74
N SER A 201 -36.48 0.35 -13.49
CA SER A 201 -36.75 1.45 -14.47
C SER A 201 -37.16 2.78 -13.79
N ASN B 2 -35.38 10.29 -10.22
CA ASN B 2 -35.55 11.47 -9.33
C ASN B 2 -35.60 11.13 -7.83
N MET B 3 -34.42 10.84 -7.28
CA MET B 3 -34.25 10.52 -5.87
C MET B 3 -32.90 11.13 -5.58
N PRO B 4 -32.84 12.06 -4.62
CA PRO B 4 -31.54 12.66 -4.33
C PRO B 4 -30.43 11.62 -4.14
N MET B 5 -29.32 11.82 -4.83
CA MET B 5 -28.17 10.93 -4.73
C MET B 5 -27.97 10.53 -3.26
N THR B 6 -27.98 11.52 -2.39
CA THR B 6 -27.83 11.33 -0.96
C THR B 6 -28.71 10.24 -0.42
N GLU B 7 -29.97 10.22 -0.85
CA GLU B 7 -30.93 9.23 -0.37
C GLU B 7 -30.79 7.88 -1.08
N ARG B 8 -30.03 7.87 -2.17
CA ARG B 8 -29.81 6.62 -2.92
C ARG B 8 -28.64 5.88 -2.24
N ILE B 9 -27.75 6.64 -1.60
CA ILE B 9 -26.61 6.08 -0.89
C ILE B 9 -27.14 5.22 0.25
N ARG B 10 -27.93 5.86 1.10
CA ARG B 10 -28.56 5.21 2.24
C ARG B 10 -29.39 3.99 1.88
N ALA B 11 -29.93 3.98 0.65
CA ALA B 11 -30.74 2.87 0.18
C ALA B 11 -29.93 1.77 -0.50
N GLY B 12 -28.63 1.98 -0.64
CA GLY B 12 -27.78 0.99 -1.26
C GLY B 12 -28.02 0.90 -2.75
N LYS B 13 -28.50 2.01 -3.32
CA LYS B 13 -28.77 2.11 -4.73
C LYS B 13 -27.58 2.74 -5.42
N LEU B 14 -27.51 2.54 -6.72
CA LEU B 14 -26.40 3.08 -7.47
C LEU B 14 -26.57 4.60 -7.56
N PHE B 15 -25.44 5.28 -7.43
CA PHE B 15 -25.39 6.73 -7.41
C PHE B 15 -24.10 7.32 -7.94
N THR B 16 -24.08 8.64 -8.05
CA THR B 16 -22.90 9.39 -8.47
C THR B 16 -22.88 10.56 -7.51
N ASP B 17 -21.71 11.14 -7.31
CA ASP B 17 -21.58 12.19 -6.33
C ASP B 17 -21.15 13.56 -6.82
N MET B 18 -21.50 13.94 -8.04
CA MET B 18 -21.08 15.24 -8.54
C MET B 18 -22.12 16.33 -8.30
N CYS B 19 -22.90 16.19 -7.25
CA CYS B 19 -23.92 17.18 -6.97
C CYS B 19 -24.53 17.11 -5.57
N GLU B 20 -25.46 18.03 -5.31
CA GLU B 20 -26.16 18.11 -4.04
C GLU B 20 -25.24 18.43 -2.89
N GLY B 21 -24.21 19.22 -3.14
CA GLY B 21 -23.33 19.60 -2.07
C GLY B 21 -22.26 18.61 -1.68
N LEU B 22 -22.24 17.46 -2.35
CA LEU B 22 -21.26 16.44 -2.04
C LEU B 22 -19.85 16.94 -2.34
N PRO B 23 -19.62 17.48 -3.55
CA PRO B 23 -18.29 17.97 -3.88
C PRO B 23 -17.77 19.02 -2.88
N GLU B 24 -18.67 19.83 -2.37
CA GLU B 24 -18.31 20.87 -1.42
C GLU B 24 -17.95 20.23 -0.09
N LYS B 25 -18.64 19.14 0.24
CA LYS B 25 -18.36 18.46 1.47
C LYS B 25 -16.97 17.91 1.32
N ARG B 26 -16.71 17.26 0.20
CA ARG B 26 -15.43 16.64 -0.07
C ARG B 26 -14.27 17.60 0.03
N LEU B 27 -14.46 18.81 -0.47
CA LEU B 27 -13.39 19.80 -0.45
C LEU B 27 -13.12 20.30 0.98
N ARG B 28 -14.13 20.31 1.82
CA ARG B 28 -13.95 20.76 3.20
C ARG B 28 -13.07 19.74 3.90
N GLY B 29 -13.50 18.48 3.86
CA GLY B 29 -12.75 17.40 4.49
C GLY B 29 -11.35 17.27 3.92
N LYS B 30 -11.22 17.16 2.61
CA LYS B 30 -9.91 17.02 1.99
C LYS B 30 -9.00 18.23 2.22
N THR B 31 -9.57 19.31 2.75
CA THR B 31 -8.79 20.50 3.01
C THR B 31 -8.12 20.33 4.37
N LEU B 32 -8.89 19.82 5.32
CA LEU B 32 -8.37 19.58 6.66
C LEU B 32 -7.31 18.47 6.58
N MET B 33 -7.61 17.47 5.75
CA MET B 33 -6.75 16.32 5.50
C MET B 33 -5.37 16.79 5.03
N TYR B 34 -5.36 17.77 4.13
CA TYR B 34 -4.13 18.31 3.61
C TYR B 34 -3.33 19.02 4.70
N GLU B 35 -3.96 19.85 5.54
CA GLU B 35 -3.14 20.51 6.57
C GLU B 35 -2.67 19.49 7.62
N PHE B 36 -3.42 18.42 7.87
CA PHE B 36 -2.95 17.38 8.79
C PHE B 36 -1.76 16.65 8.14
N ASN B 37 -2.01 16.06 6.99
CA ASN B 37 -1.02 15.32 6.26
C ASN B 37 0.26 16.08 6.02
N HIS B 38 0.23 17.41 5.97
CA HIS B 38 1.46 18.15 5.74
C HIS B 38 1.95 18.90 6.98
N SER B 39 1.28 18.69 8.10
CA SER B 39 1.67 19.34 9.36
C SER B 39 3.01 18.79 9.82
N HIS B 40 3.80 19.61 10.51
CA HIS B 40 5.10 19.21 11.05
C HIS B 40 4.86 18.34 12.27
N PRO B 41 5.64 17.25 12.44
CA PRO B 41 5.48 16.33 13.59
C PRO B 41 5.46 17.03 14.94
N SER B 42 6.08 18.19 15.01
CA SER B 42 6.13 18.95 16.25
C SER B 42 4.83 19.71 16.53
N GLU B 43 3.97 19.84 15.52
CA GLU B 43 2.70 20.55 15.67
C GLU B 43 1.64 19.64 16.29
N VAL B 44 1.98 19.00 17.40
CA VAL B 44 1.07 18.09 18.08
C VAL B 44 -0.34 18.66 18.41
N GLU B 45 -0.46 19.83 19.05
CA GLU B 45 -1.81 20.37 19.37
C GLU B 45 -2.61 20.51 18.06
N LYS B 46 -1.96 21.07 17.05
CA LYS B 46 -2.57 21.27 15.74
C LYS B 46 -3.15 19.96 15.25
N ARG B 47 -2.30 18.94 15.21
CA ARG B 47 -2.74 17.64 14.77
C ARG B 47 -3.89 17.15 15.65
N GLU B 48 -3.74 17.34 16.95
CA GLU B 48 -4.75 16.97 17.95
C GLU B 48 -6.14 17.56 17.67
N SER B 49 -6.19 18.76 17.10
CA SER B 49 -7.51 19.36 16.89
C SER B 49 -8.06 18.99 15.53
N LEU B 50 -7.16 18.85 14.56
CA LEU B 50 -7.56 18.48 13.22
C LEU B 50 -8.27 17.12 13.26
N ILE B 51 -7.81 16.24 14.14
CA ILE B 51 -8.43 14.92 14.24
C ILE B 51 -9.87 15.04 14.72
N LYS B 52 -10.04 15.82 15.77
CA LYS B 52 -11.37 16.01 16.33
C LYS B 52 -12.21 16.62 15.25
N GLU B 53 -11.55 17.53 14.56
CA GLU B 53 -12.14 18.25 13.49
C GLU B 53 -12.44 17.37 12.27
N MET B 54 -11.50 16.59 11.71
CA MET B 54 -11.72 15.77 10.48
C MET B 54 -12.85 14.77 10.49
N PHE B 55 -12.90 13.98 11.54
CA PHE B 55 -13.91 12.93 11.66
C PHE B 55 -15.18 13.38 12.36
N ALA B 56 -16.30 12.77 12.01
CA ALA B 56 -17.56 13.15 12.62
C ALA B 56 -17.54 12.81 14.11
N THR B 57 -16.89 11.71 14.44
CA THR B 57 -16.81 11.29 15.84
C THR B 57 -15.45 10.72 16.17
N VAL B 58 -14.88 11.17 17.28
CA VAL B 58 -13.57 10.72 17.72
C VAL B 58 -13.55 10.68 19.24
N GLY B 59 -13.27 9.52 19.81
CA GLY B 59 -13.23 9.38 21.24
C GLY B 59 -11.93 9.95 21.76
N GLU B 60 -11.71 9.79 23.05
CA GLU B 60 -10.51 10.28 23.71
C GLU B 60 -9.29 9.41 23.41
N ASN B 61 -8.13 10.01 23.54
CA ASN B 61 -6.85 9.34 23.32
C ASN B 61 -6.81 8.67 21.97
N ALA B 62 -6.97 9.49 20.94
CA ALA B 62 -6.95 9.00 19.57
C ALA B 62 -5.66 9.46 18.92
N TRP B 63 -5.05 8.59 18.14
CA TRP B 63 -3.84 8.98 17.46
C TRP B 63 -3.85 8.47 16.04
N VAL B 64 -3.35 9.28 15.14
CA VAL B 64 -3.30 8.90 13.74
C VAL B 64 -2.01 9.42 13.17
N GLU B 65 -1.20 8.48 12.67
CA GLU B 65 0.07 8.82 12.08
C GLU B 65 -0.15 9.34 10.67
N PRO B 66 0.11 10.63 10.43
CA PRO B 66 -0.10 11.09 9.06
C PRO B 66 0.91 10.38 8.14
N PRO B 67 0.56 10.20 6.87
CA PRO B 67 -0.68 10.63 6.23
C PRO B 67 -1.87 9.72 6.41
N VAL B 68 -3.05 10.32 6.29
CA VAL B 68 -4.31 9.61 6.38
C VAL B 68 -5.17 10.11 5.21
N TYR B 69 -6.01 9.23 4.66
CA TYR B 69 -6.83 9.57 3.52
C TYR B 69 -8.29 9.13 3.57
N PHE B 70 -9.19 10.02 3.16
CA PHE B 70 -10.61 9.70 3.14
C PHE B 70 -11.24 10.55 2.06
N SER B 71 -12.49 10.27 1.75
CA SER B 71 -13.21 11.01 0.74
C SER B 71 -13.92 12.20 1.38
N TYR B 72 -14.50 11.95 2.54
CA TYR B 72 -15.25 12.95 3.29
C TYR B 72 -14.64 13.23 4.66
N GLY B 73 -14.60 12.20 5.51
CA GLY B 73 -14.07 12.37 6.85
C GLY B 73 -15.23 12.42 7.82
N SER B 74 -16.26 13.13 7.42
CA SER B 74 -17.45 13.30 8.25
C SER B 74 -18.38 12.11 8.27
N ASN B 75 -17.94 10.97 7.75
CA ASN B 75 -18.76 9.76 7.77
C ASN B 75 -18.02 8.70 8.58
N ILE B 76 -16.90 9.10 9.16
CA ILE B 76 -16.09 8.20 9.97
C ILE B 76 -16.33 8.51 11.45
N HIS B 77 -16.78 7.50 12.18
CA HIS B 77 -17.08 7.64 13.59
C HIS B 77 -16.20 6.70 14.39
N ILE B 78 -15.16 7.26 14.98
CA ILE B 78 -14.19 6.50 15.74
C ILE B 78 -14.44 6.49 17.24
N GLY B 79 -14.16 5.34 17.86
CA GLY B 79 -14.34 5.21 19.30
C GLY B 79 -13.17 5.69 20.14
N ARG B 80 -12.99 5.08 21.32
CA ARG B 80 -11.93 5.45 22.25
C ARG B 80 -10.58 4.79 21.99
N ASN B 81 -9.53 5.54 22.32
CA ASN B 81 -8.16 5.04 22.27
C ASN B 81 -7.95 4.37 20.94
N PHE B 82 -8.01 5.16 19.90
CA PHE B 82 -7.85 4.65 18.58
C PHE B 82 -6.46 4.98 18.08
N TYR B 83 -5.75 3.96 17.60
CA TYR B 83 -4.42 4.16 17.04
C TYR B 83 -4.41 3.66 15.60
N ALA B 84 -3.95 4.51 14.71
CA ALA B 84 -3.88 4.17 13.30
C ALA B 84 -2.51 4.57 12.87
N ASN B 85 -1.81 3.65 12.23
CA ASN B 85 -0.47 3.91 11.75
C ASN B 85 -0.53 4.46 10.32
N PHE B 86 0.61 4.88 9.81
CA PHE B 86 0.75 5.44 8.47
C PHE B 86 -0.20 4.93 7.41
N ASN B 87 -0.60 5.84 6.53
CA ASN B 87 -1.46 5.59 5.38
C ASN B 87 -2.77 4.85 5.55
N LEU B 88 -3.52 5.21 6.57
CA LEU B 88 -4.81 4.59 6.75
C LEU B 88 -5.71 5.26 5.69
N THR B 89 -6.27 4.48 4.79
CA THR B 89 -7.16 5.05 3.79
C THR B 89 -8.59 4.58 3.98
N ILE B 90 -9.50 5.53 4.13
CA ILE B 90 -10.91 5.21 4.33
C ILE B 90 -11.79 5.90 3.32
N VAL B 91 -12.38 5.13 2.40
CA VAL B 91 -13.28 5.70 1.41
C VAL B 91 -14.64 5.70 2.08
N ASP B 92 -14.93 6.80 2.77
CA ASP B 92 -16.16 6.94 3.53
C ASP B 92 -17.27 7.68 2.83
N ASP B 93 -17.77 7.12 1.75
CA ASP B 93 -18.87 7.74 1.02
C ASP B 93 -20.13 7.52 1.84
N TYR B 94 -20.04 6.59 2.78
CA TYR B 94 -21.15 6.29 3.67
C TYR B 94 -20.53 5.91 5.00
N THR B 95 -21.35 5.51 5.96
CA THR B 95 -20.89 5.17 7.31
C THR B 95 -19.78 4.15 7.54
N VAL B 96 -18.78 4.57 8.32
CA VAL B 96 -17.64 3.74 8.70
C VAL B 96 -17.56 3.92 10.23
N THR B 97 -17.68 2.82 10.96
CA THR B 97 -17.66 2.90 12.42
C THR B 97 -16.63 2.01 13.09
N ILE B 98 -15.70 2.63 13.83
CA ILE B 98 -14.67 1.91 14.54
C ILE B 98 -14.88 1.96 16.07
N GLY B 99 -14.91 0.81 16.72
CA GLY B 99 -15.10 0.75 18.16
C GLY B 99 -13.94 1.28 18.98
N ASP B 100 -13.88 0.89 20.25
CA ASP B 100 -12.82 1.34 21.16
C ASP B 100 -11.59 0.46 21.11
N ASN B 101 -10.46 1.03 21.50
CA ASN B 101 -9.20 0.32 21.55
C ASN B 101 -8.94 -0.49 20.30
N VAL B 102 -9.03 0.17 19.16
CA VAL B 102 -8.80 -0.48 17.90
C VAL B 102 -7.42 -0.07 17.43
N LEU B 103 -6.61 -1.04 17.02
CA LEU B 103 -5.26 -0.75 16.55
C LEU B 103 -5.20 -1.00 15.07
N ILE B 104 -4.72 -0.02 14.31
CA ILE B 104 -4.61 -0.21 12.87
C ILE B 104 -3.20 0.01 12.39
N ALA B 105 -2.66 -1.05 11.81
CA ALA B 105 -1.30 -1.07 11.29
C ALA B 105 -1.17 -0.23 10.03
N PRO B 106 0.07 -0.04 9.52
CA PRO B 106 0.25 0.76 8.30
C PRO B 106 -0.37 0.19 7.04
N ASN B 107 -0.67 1.12 6.13
CA ASN B 107 -1.25 0.85 4.83
C ASN B 107 -2.49 -0.01 4.80
N VAL B 108 -3.49 0.39 5.58
CA VAL B 108 -4.74 -0.34 5.65
C VAL B 108 -5.77 0.43 4.82
N THR B 109 -6.70 -0.29 4.20
CA THR B 109 -7.73 0.33 3.35
C THR B 109 -9.14 -0.15 3.63
N LEU B 110 -10.00 0.80 3.97
CA LEU B 110 -11.41 0.55 4.25
C LEU B 110 -12.16 1.26 3.12
N SER B 111 -13.28 0.69 2.69
CA SER B 111 -14.05 1.25 1.60
C SER B 111 -15.46 0.71 1.54
N VAL B 112 -16.41 1.57 1.89
CA VAL B 112 -17.81 1.21 1.85
C VAL B 112 -18.30 1.18 0.41
N THR B 113 -17.49 1.68 -0.51
CA THR B 113 -17.84 1.78 -1.90
C THR B 113 -17.31 0.74 -2.91
N GLY B 114 -18.19 0.32 -3.81
CA GLY B 114 -17.83 -0.62 -4.84
C GLY B 114 -18.45 -0.14 -6.15
N HIS B 115 -18.12 -0.80 -7.25
CA HIS B 115 -18.68 -0.43 -8.54
C HIS B 115 -19.34 -1.66 -9.14
N PRO B 116 -20.47 -1.48 -9.82
CA PRO B 116 -21.08 -2.67 -10.39
C PRO B 116 -20.05 -3.35 -11.30
N VAL B 117 -20.01 -4.67 -11.28
CA VAL B 117 -19.09 -5.44 -12.10
C VAL B 117 -19.27 -5.16 -13.59
N HIS B 118 -20.52 -5.21 -14.05
CA HIS B 118 -20.81 -4.94 -15.45
C HIS B 118 -20.45 -3.51 -15.83
N HIS B 119 -19.58 -3.34 -16.80
CA HIS B 119 -19.11 -2.01 -17.20
C HIS B 119 -20.14 -1.12 -17.84
N GLU B 120 -21.38 -1.52 -17.68
CA GLU B 120 -22.44 -0.81 -18.34
C GLU B 120 -23.36 -0.16 -17.33
N LEU B 121 -23.27 -0.69 -16.10
CA LEU B 121 -24.01 -0.20 -14.94
C LEU B 121 -23.16 0.89 -14.31
N ARG B 122 -21.92 1.01 -14.82
CA ARG B 122 -20.95 2.00 -14.33
C ARG B 122 -20.34 2.88 -15.42
N LYS B 123 -21.12 3.16 -16.46
CA LYS B 123 -20.69 3.98 -17.60
C LYS B 123 -20.22 5.35 -17.17
N ASN B 124 -20.71 5.83 -16.03
CA ASN B 124 -20.33 7.14 -15.50
C ASN B 124 -19.74 7.02 -14.09
N GLY B 125 -19.05 5.89 -13.86
CA GLY B 125 -18.40 5.60 -12.60
C GLY B 125 -19.39 5.56 -11.47
N GLU B 126 -20.36 4.69 -11.66
CA GLU B 126 -21.42 4.55 -10.70
C GLU B 126 -20.99 3.72 -9.53
N MET B 127 -21.49 4.06 -8.36
CA MET B 127 -21.11 3.29 -7.20
C MET B 127 -22.23 2.96 -6.26
N TYR B 128 -21.93 2.06 -5.35
CA TYR B 128 -22.89 1.69 -4.34
C TYR B 128 -22.07 1.77 -3.04
N SER B 129 -22.76 1.95 -1.92
CA SER B 129 -22.07 2.06 -0.65
C SER B 129 -22.77 1.34 0.47
N PHE B 130 -22.00 0.54 1.20
CA PHE B 130 -22.51 -0.20 2.34
C PHE B 130 -21.53 0.02 3.48
N PRO B 131 -22.05 0.43 4.66
CA PRO B 131 -21.29 0.70 5.88
C PRO B 131 -20.40 -0.39 6.42
N ILE B 132 -19.22 0.01 6.87
CA ILE B 132 -18.26 -0.92 7.45
C ILE B 132 -18.31 -0.68 8.95
N THR B 133 -18.11 -1.73 9.72
CA THR B 133 -18.14 -1.66 11.17
C THR B 133 -17.02 -2.46 11.83
N ILE B 134 -16.05 -1.76 12.41
CA ILE B 134 -14.94 -2.38 13.10
C ILE B 134 -15.34 -2.42 14.55
N GLY B 135 -15.40 -3.61 15.13
CA GLY B 135 -15.79 -3.75 16.53
C GLY B 135 -14.75 -3.25 17.52
N ASN B 136 -15.01 -3.49 18.81
CA ASN B 136 -14.08 -3.06 19.84
C ASN B 136 -12.92 -4.02 19.98
N ASN B 137 -11.77 -3.46 20.34
CA ASN B 137 -10.58 -4.26 20.55
C ASN B 137 -10.19 -5.11 19.34
N VAL B 138 -10.30 -4.54 18.15
CA VAL B 138 -9.94 -5.26 16.94
C VAL B 138 -8.56 -4.80 16.49
N TRP B 139 -7.78 -5.72 15.94
CA TRP B 139 -6.44 -5.37 15.47
C TRP B 139 -6.33 -5.75 14.01
N ILE B 140 -6.02 -4.76 13.17
CA ILE B 140 -5.89 -5.00 11.74
C ILE B 140 -4.41 -4.89 11.33
N GLY B 141 -3.88 -5.97 10.77
CA GLY B 141 -2.49 -5.97 10.35
C GLY B 141 -2.24 -5.11 9.14
N SER B 142 -1.00 -5.04 8.66
CA SER B 142 -0.66 -4.22 7.50
C SER B 142 -1.22 -4.70 6.14
N HIS B 143 -1.40 -3.75 5.23
CA HIS B 143 -1.90 -4.02 3.89
C HIS B 143 -3.19 -4.80 3.87
N VAL B 144 -4.08 -4.56 4.82
CA VAL B 144 -5.36 -5.25 4.83
C VAL B 144 -6.39 -4.40 4.07
N VAL B 145 -7.33 -5.03 3.40
CA VAL B 145 -8.36 -4.30 2.66
C VAL B 145 -9.69 -4.80 3.21
N ILE B 146 -10.55 -3.87 3.58
CA ILE B 146 -11.87 -4.25 4.09
C ILE B 146 -12.89 -3.71 3.10
N ASN B 147 -13.71 -4.61 2.58
CA ASN B 147 -14.65 -4.26 1.54
C ASN B 147 -16.02 -3.78 1.98
N PRO B 148 -16.81 -3.23 1.04
CA PRO B 148 -18.14 -2.75 1.34
C PRO B 148 -18.96 -3.61 2.24
N GLY B 149 -19.72 -2.93 3.09
CA GLY B 149 -20.62 -3.61 3.99
C GLY B 149 -20.13 -4.72 4.89
N VAL B 150 -18.85 -4.72 5.23
CA VAL B 150 -18.30 -5.75 6.09
C VAL B 150 -18.31 -5.40 7.57
N THR B 151 -18.65 -6.37 8.42
CA THR B 151 -18.63 -6.13 9.87
C THR B 151 -17.62 -7.08 10.53
N ILE B 152 -16.66 -6.49 11.26
CA ILE B 152 -15.65 -7.25 11.97
C ILE B 152 -16.01 -7.33 13.44
N GLY B 153 -16.38 -8.53 13.92
CA GLY B 153 -16.73 -8.69 15.32
C GLY B 153 -15.65 -8.26 16.29
N ASP B 154 -16.05 -8.02 17.54
CA ASP B 154 -15.16 -7.59 18.59
C ASP B 154 -14.01 -8.51 18.93
N ASN B 155 -12.97 -7.89 19.50
CA ASN B 155 -11.75 -8.54 19.99
C ASN B 155 -11.06 -9.46 18.98
N SER B 156 -11.45 -9.37 17.71
CA SER B 156 -10.89 -10.24 16.68
C SER B 156 -9.63 -9.65 16.05
N VAL B 157 -8.84 -10.49 15.37
CA VAL B 157 -7.63 -10.04 14.73
C VAL B 157 -7.62 -10.38 13.24
N ILE B 158 -7.14 -9.43 12.43
CA ILE B 158 -7.09 -9.59 10.98
C ILE B 158 -5.63 -9.52 10.50
N GLY B 159 -5.12 -10.65 10.04
CA GLY B 159 -3.74 -10.72 9.60
C GLY B 159 -3.37 -9.84 8.44
N ALA B 160 -2.10 -9.46 8.39
CA ALA B 160 -1.57 -8.63 7.33
C ALA B 160 -1.87 -9.23 5.98
N GLY B 161 -2.19 -8.35 5.03
CA GLY B 161 -2.50 -8.77 3.67
C GLY B 161 -3.91 -9.29 3.44
N SER B 162 -4.73 -9.37 4.48
CA SER B 162 -6.06 -9.90 4.31
C SER B 162 -6.97 -9.02 3.46
N ILE B 163 -7.88 -9.65 2.74
CA ILE B 163 -8.86 -8.97 1.92
C ILE B 163 -10.19 -9.41 2.53
N VAL B 164 -10.71 -8.62 3.45
CA VAL B 164 -11.97 -8.96 4.09
C VAL B 164 -13.15 -8.68 3.16
N THR B 165 -13.85 -9.73 2.76
CA THR B 165 -14.99 -9.61 1.88
C THR B 165 -16.27 -10.07 2.55
N LYS B 166 -16.11 -10.78 3.67
CA LYS B 166 -17.25 -11.30 4.42
C LYS B 166 -17.17 -10.77 5.85
N ASP B 167 -18.26 -10.93 6.59
CA ASP B 167 -18.32 -10.51 7.97
C ASP B 167 -17.40 -11.42 8.74
N ILE B 168 -16.73 -10.86 9.73
CA ILE B 168 -15.82 -11.66 10.52
C ILE B 168 -16.43 -11.70 11.93
N PRO B 169 -16.66 -12.93 12.44
CA PRO B 169 -17.23 -13.09 13.78
C PRO B 169 -16.23 -12.56 14.80
N PRO B 170 -16.66 -12.48 16.05
CA PRO B 170 -15.77 -11.97 17.10
C PRO B 170 -14.91 -13.07 17.74
N ASN B 171 -13.80 -12.67 18.36
CA ASN B 171 -12.95 -13.62 19.05
C ASN B 171 -12.25 -14.61 18.15
N VAL B 172 -11.96 -14.20 16.93
CA VAL B 172 -11.27 -15.12 16.04
C VAL B 172 -10.04 -14.46 15.51
N VAL B 173 -9.34 -15.23 14.72
CA VAL B 173 -8.15 -14.78 14.01
C VAL B 173 -8.38 -15.13 12.55
N ALA B 174 -8.43 -14.13 11.69
CA ALA B 174 -8.73 -14.34 10.29
C ALA B 174 -7.65 -13.80 9.38
N ALA B 175 -7.39 -14.50 8.29
CA ALA B 175 -6.37 -14.08 7.35
C ALA B 175 -6.62 -14.70 6.00
N GLY B 176 -5.90 -14.24 4.98
CA GLY B 176 -6.06 -14.79 3.66
C GLY B 176 -6.76 -13.91 2.64
N VAL B 177 -6.66 -14.32 1.38
CA VAL B 177 -7.26 -13.62 0.26
C VAL B 177 -8.07 -14.63 -0.51
N PRO B 178 -9.40 -14.66 -0.30
CA PRO B 178 -10.11 -13.79 0.63
C PRO B 178 -9.92 -14.17 2.08
N CYS B 179 -10.07 -13.19 2.95
CA CYS B 179 -9.91 -13.39 4.38
C CYS B 179 -10.87 -14.45 4.91
N ARG B 180 -10.34 -15.39 5.69
CA ARG B 180 -11.16 -16.42 6.27
C ARG B 180 -10.71 -16.68 7.70
N VAL B 181 -11.65 -17.14 8.53
CA VAL B 181 -11.37 -17.44 9.92
C VAL B 181 -10.35 -18.53 10.04
N ILE B 182 -9.18 -18.17 10.57
CA ILE B 182 -8.09 -19.13 10.78
C ILE B 182 -8.46 -19.83 12.09
N ARG B 183 -8.85 -19.07 13.10
CA ARG B 183 -9.17 -19.69 14.36
C ARG B 183 -9.58 -18.82 15.51
N GLU B 184 -10.28 -19.49 16.43
CA GLU B 184 -10.77 -18.90 17.65
C GLU B 184 -9.64 -18.63 18.62
N ILE B 185 -9.79 -17.55 19.37
CA ILE B 185 -8.79 -17.15 20.34
C ILE B 185 -9.17 -17.81 21.66
N ASN B 186 -8.27 -18.66 22.15
CA ASN B 186 -8.47 -19.40 23.40
C ASN B 186 -7.41 -19.08 24.45
N ASP B 187 -7.58 -19.66 25.63
CA ASP B 187 -6.66 -19.47 26.76
C ASP B 187 -5.18 -19.57 26.43
N ARG B 188 -4.81 -20.37 25.43
CA ARG B 188 -3.38 -20.47 25.08
C ARG B 188 -2.82 -19.10 24.72
N ASP B 189 -3.69 -18.24 24.19
CA ASP B 189 -3.34 -16.89 23.75
C ASP B 189 -3.18 -15.90 24.88
N LYS B 190 -3.53 -16.33 26.09
CA LYS B 190 -3.38 -15.50 27.28
C LYS B 190 -1.97 -15.76 27.79
N HIS B 191 -1.36 -16.86 27.34
CA HIS B 191 -0.02 -17.27 27.73
C HIS B 191 1.02 -17.04 26.65
N TYR B 192 0.69 -17.47 25.43
CA TYR B 192 1.60 -17.27 24.30
C TYR B 192 1.15 -16.04 23.56
N TYR B 193 2.05 -15.09 23.40
CA TYR B 193 1.71 -13.84 22.72
C TYR B 193 2.38 -13.75 21.36
N PHE B 194 3.30 -14.68 21.08
CA PHE B 194 3.96 -14.70 19.77
C PHE B 194 4.72 -15.98 19.57
N LYS B 195 4.45 -16.64 18.45
CA LYS B 195 5.13 -17.89 18.11
C LYS B 195 5.39 -18.70 19.37
N ASP B 196 6.68 -18.91 19.66
CA ASP B 196 7.13 -19.69 20.80
C ASP B 196 7.60 -18.85 22.01
N TYR B 197 6.82 -17.83 22.35
CA TYR B 197 7.17 -16.97 23.47
C TYR B 197 6.05 -16.95 24.50
N LYS B 198 6.35 -17.42 25.69
CA LYS B 198 5.38 -17.47 26.79
C LYS B 198 5.37 -16.16 27.56
N VAL B 199 4.17 -15.74 27.98
CA VAL B 199 4.01 -14.49 28.72
C VAL B 199 4.87 -14.46 29.97
N GLU B 200 5.19 -15.62 30.53
CA GLU B 200 6.00 -15.64 31.73
C GLU B 200 7.44 -16.11 31.52
N SER B 201 8.31 -15.14 31.22
CA SER B 201 9.74 -15.35 31.04
C SER B 201 10.34 -14.69 32.27
N ASN C 2 7.38 -6.68 36.42
CA ASN C 2 8.07 -6.60 35.09
C ASN C 2 9.52 -6.07 35.27
N MET C 3 10.01 -5.33 34.26
CA MET C 3 11.36 -4.74 34.21
C MET C 3 11.37 -3.51 33.25
N PRO C 4 12.40 -2.63 33.29
CA PRO C 4 12.45 -1.46 32.38
C PRO C 4 11.96 -1.76 30.96
N MET C 5 11.30 -0.77 30.33
CA MET C 5 10.72 -0.95 29.00
C MET C 5 11.74 -1.22 27.88
N THR C 6 12.85 -0.49 27.85
CA THR C 6 13.87 -0.70 26.81
C THR C 6 14.43 -2.13 26.86
N GLU C 7 14.45 -2.72 28.05
CA GLU C 7 14.93 -4.07 28.23
C GLU C 7 13.93 -5.07 27.68
N ARG C 8 12.66 -4.94 28.06
CA ARG C 8 11.63 -5.84 27.58
C ARG C 8 11.77 -5.94 26.08
N ILE C 9 12.04 -4.81 25.45
CA ILE C 9 12.20 -4.78 24.00
C ILE C 9 13.26 -5.78 23.61
N ARG C 10 14.50 -5.51 24.02
CA ARG C 10 15.60 -6.39 23.72
C ARG C 10 15.36 -7.86 24.11
N ALA C 11 14.52 -8.10 25.10
CA ALA C 11 14.22 -9.46 25.57
C ALA C 11 13.01 -10.09 24.89
N GLY C 12 12.41 -9.38 23.94
CA GLY C 12 11.26 -9.93 23.26
C GLY C 12 10.09 -10.05 24.21
N LYS C 13 9.94 -9.09 25.11
CA LYS C 13 8.84 -9.10 26.09
C LYS C 13 7.85 -8.01 25.72
N LEU C 14 6.60 -8.17 26.16
CA LEU C 14 5.53 -7.20 25.91
C LEU C 14 5.89 -5.86 26.55
N PHE C 15 5.63 -4.77 25.81
CA PHE C 15 5.95 -3.44 26.29
C PHE C 15 5.04 -2.39 25.66
N THR C 16 5.06 -1.22 26.28
CA THR C 16 4.36 -0.04 25.83
C THR C 16 5.46 1.00 25.65
N ASP C 17 5.25 1.99 24.80
CA ASP C 17 6.34 2.94 24.56
C ASP C 17 6.02 4.39 24.82
N MET C 18 5.59 4.71 26.04
CA MET C 18 5.26 6.09 26.38
C MET C 18 6.16 6.61 27.49
N CYS C 19 7.35 6.02 27.61
CA CYS C 19 8.29 6.41 28.65
C CYS C 19 9.75 6.23 28.21
N GLU C 20 10.64 6.32 29.20
CA GLU C 20 12.08 6.16 28.98
C GLU C 20 12.64 6.94 27.81
N GLY C 21 11.98 8.05 27.46
CA GLY C 21 12.46 8.89 26.37
C GLY C 21 12.14 8.41 24.98
N LEU C 22 11.35 7.35 24.89
CA LEU C 22 10.95 6.76 23.62
C LEU C 22 10.19 7.76 22.75
N PRO C 23 9.21 8.47 23.33
CA PRO C 23 8.46 9.46 22.52
C PRO C 23 9.36 10.53 21.90
N GLU C 24 10.30 11.04 22.69
CA GLU C 24 11.19 12.09 22.20
C GLU C 24 12.07 11.55 21.09
N LYS C 25 12.50 10.31 21.25
CA LYS C 25 13.37 9.64 20.29
C LYS C 25 12.62 9.56 18.95
N ARG C 26 11.32 9.26 19.06
CA ARG C 26 10.44 9.16 17.91
C ARG C 26 10.29 10.52 17.22
N LEU C 27 10.15 11.58 18.01
CA LEU C 27 9.99 12.92 17.43
C LEU C 27 11.17 13.38 16.60
N ARG C 28 12.39 13.03 17.00
CA ARG C 28 13.56 13.42 16.22
C ARG C 28 13.47 12.67 14.91
N GLY C 29 13.10 11.40 14.99
CA GLY C 29 12.98 10.58 13.81
C GLY C 29 11.98 11.16 12.83
N LYS C 30 10.71 11.21 13.25
CA LYS C 30 9.62 11.76 12.43
C LYS C 30 9.90 13.19 11.97
N THR C 31 10.88 13.85 12.60
CA THR C 31 11.26 15.21 12.24
C THR C 31 12.16 15.15 11.04
N LEU C 32 13.20 14.31 11.09
CA LEU C 32 14.10 14.17 9.95
C LEU C 32 13.32 13.55 8.79
N MET C 33 12.40 12.67 9.14
CA MET C 33 11.56 12.01 8.17
C MET C 33 10.75 13.08 7.43
N TYR C 34 10.09 13.96 8.17
CA TYR C 34 9.30 15.04 7.57
C TYR C 34 10.18 15.88 6.63
N GLU C 35 11.38 16.21 7.07
CA GLU C 35 12.29 16.99 6.27
C GLU C 35 12.65 16.25 4.97
N PHE C 36 12.71 14.92 5.03
CA PHE C 36 13.06 14.14 3.85
C PHE C 36 11.87 14.03 2.92
N ASN C 37 10.75 13.60 3.49
CA ASN C 37 9.55 13.41 2.73
C ASN C 37 9.07 14.68 2.03
N HIS C 38 9.29 15.84 2.64
CA HIS C 38 8.86 17.08 2.02
C HIS C 38 9.92 17.79 1.18
N SER C 39 11.13 17.25 1.13
CA SER C 39 12.19 17.87 0.32
C SER C 39 11.76 17.94 -1.14
N HIS C 40 12.49 18.72 -1.93
CA HIS C 40 12.21 18.90 -3.35
C HIS C 40 13.13 18.00 -4.16
N PRO C 41 12.63 17.44 -5.27
CA PRO C 41 13.47 16.57 -6.09
C PRO C 41 14.82 17.17 -6.48
N SER C 42 14.93 18.49 -6.49
CA SER C 42 16.18 19.11 -6.89
C SER C 42 17.17 19.17 -5.75
N GLU C 43 16.66 19.04 -4.54
CA GLU C 43 17.53 19.11 -3.38
C GLU C 43 18.15 17.75 -3.06
N VAL C 44 19.02 17.31 -3.97
CA VAL C 44 19.71 16.04 -3.86
C VAL C 44 20.70 15.96 -2.71
N GLU C 45 21.47 17.02 -2.52
CA GLU C 45 22.48 17.02 -1.47
C GLU C 45 21.85 16.95 -0.09
N LYS C 46 20.68 17.57 0.07
CA LYS C 46 19.99 17.58 1.36
C LYS C 46 19.41 16.20 1.63
N ARG C 47 18.92 15.58 0.56
CA ARG C 47 18.34 14.26 0.68
C ARG C 47 19.41 13.26 1.11
N GLU C 48 20.64 13.46 0.65
CA GLU C 48 21.70 12.53 1.03
C GLU C 48 22.11 12.72 2.49
N SER C 49 22.21 13.95 2.99
CA SER C 49 22.54 14.13 4.40
C SER C 49 21.49 13.48 5.31
N LEU C 50 20.23 13.66 4.95
CA LEU C 50 19.15 13.13 5.76
C LEU C 50 19.18 11.61 5.84
N ILE C 51 19.54 10.96 4.74
CA ILE C 51 19.59 9.51 4.73
C ILE C 51 20.58 9.07 5.78
N LYS C 52 21.76 9.66 5.73
CA LYS C 52 22.80 9.36 6.68
C LYS C 52 22.39 9.73 8.11
N GLU C 53 21.49 10.71 8.24
CA GLU C 53 21.05 11.15 9.54
C GLU C 53 19.84 10.40 10.06
N MET C 54 18.97 9.98 9.16
CA MET C 54 17.77 9.28 9.56
C MET C 54 18.02 7.91 10.14
N PHE C 55 18.87 7.13 9.48
CA PHE C 55 19.15 5.78 9.93
C PHE C 55 20.41 5.65 10.75
N ALA C 56 20.48 4.55 11.49
CA ALA C 56 21.60 4.24 12.37
C ALA C 56 22.85 4.05 11.54
N THR C 57 22.79 3.17 10.57
CA THR C 57 23.93 2.91 9.69
C THR C 57 23.47 2.79 8.26
N VAL C 58 24.24 3.39 7.36
CA VAL C 58 23.92 3.33 5.95
C VAL C 58 25.20 3.24 5.15
N GLY C 59 25.36 2.16 4.41
CA GLY C 59 26.54 1.99 3.58
C GLY C 59 26.47 2.98 2.45
N GLU C 60 27.47 2.97 1.58
CA GLU C 60 27.52 3.90 0.46
C GLU C 60 26.54 3.53 -0.66
N ASN C 61 26.15 4.52 -1.46
CA ASN C 61 25.27 4.32 -2.61
C ASN C 61 23.81 4.15 -2.24
N ALA C 62 23.46 4.43 -0.99
CA ALA C 62 22.08 4.31 -0.57
C ALA C 62 21.21 5.30 -1.33
N TRP C 63 20.05 4.82 -1.72
CA TRP C 63 19.07 5.64 -2.42
C TRP C 63 17.69 5.23 -1.95
N VAL C 64 16.95 6.20 -1.43
CA VAL C 64 15.61 5.97 -0.96
C VAL C 64 14.69 7.01 -1.59
N GLU C 65 13.73 6.55 -2.39
CA GLU C 65 12.81 7.47 -3.03
C GLU C 65 11.74 7.92 -2.05
N PRO C 66 11.60 9.23 -1.83
CA PRO C 66 10.55 9.67 -0.90
C PRO C 66 9.17 9.38 -1.49
N PRO C 67 8.17 9.18 -0.64
CA PRO C 67 8.24 9.21 0.83
C PRO C 67 8.64 7.89 1.49
N VAL C 68 9.25 8.02 2.66
CA VAL C 68 9.63 6.84 3.41
C VAL C 68 9.05 7.02 4.80
N TYR C 69 8.56 5.94 5.39
CA TYR C 69 7.99 6.01 6.72
C TYR C 69 8.66 5.04 7.71
N PHE C 70 8.85 5.52 8.94
CA PHE C 70 9.42 4.71 10.01
C PHE C 70 9.02 5.29 11.36
N SER C 71 9.24 4.53 12.43
CA SER C 71 8.89 4.95 13.77
C SER C 71 10.00 5.73 14.44
N TYR C 72 11.22 5.21 14.39
CA TYR C 72 12.36 5.89 15.02
C TYR C 72 13.41 6.25 13.98
N GLY C 73 13.66 5.32 13.07
CA GLY C 73 14.66 5.51 12.04
C GLY C 73 16.04 5.06 12.51
N SER C 74 16.40 5.45 13.73
CA SER C 74 17.70 5.10 14.27
C SER C 74 17.88 3.62 14.57
N ASN C 75 16.82 2.82 14.45
CA ASN C 75 16.89 1.38 14.69
C ASN C 75 17.14 0.61 13.40
N ILE C 76 17.45 1.33 12.34
CA ILE C 76 17.67 0.74 11.03
C ILE C 76 19.13 0.80 10.59
N HIS C 77 19.65 -0.35 10.17
CA HIS C 77 21.03 -0.44 9.73
C HIS C 77 20.95 -0.92 8.31
N ILE C 78 21.60 -0.21 7.40
CA ILE C 78 21.55 -0.54 5.98
C ILE C 78 22.94 -0.73 5.38
N GLY C 79 23.07 -1.72 4.55
CA GLY C 79 24.38 -1.93 4.08
C GLY C 79 24.79 -0.99 3.02
N ARG C 80 25.05 -1.59 1.88
CA ARG C 80 25.61 -0.91 0.73
C ARG C 80 24.81 -1.12 -0.56
N ASN C 81 24.70 -0.07 -1.38
CA ASN C 81 23.98 -0.12 -2.67
C ASN C 81 22.52 -0.44 -2.44
N PHE C 82 21.99 0.12 -1.36
CA PHE C 82 20.62 -0.08 -1.01
C PHE C 82 19.81 0.76 -1.98
N TYR C 83 18.63 0.27 -2.31
CA TYR C 83 17.72 0.99 -3.18
C TYR C 83 16.27 0.69 -2.82
N ALA C 84 15.56 1.72 -2.41
CA ALA C 84 14.16 1.55 -2.04
C ALA C 84 13.32 2.53 -2.83
N ASN C 85 12.25 2.02 -3.44
CA ASN C 85 11.36 2.86 -4.20
C ASN C 85 10.30 3.38 -3.26
N PHE C 86 9.42 4.23 -3.76
CA PHE C 86 8.39 4.85 -2.95
C PHE C 86 7.71 4.05 -1.86
N ASN C 87 7.29 4.81 -0.85
CA ASN C 87 6.53 4.32 0.27
C ASN C 87 7.04 3.11 1.03
N LEU C 88 8.33 3.11 1.33
CA LEU C 88 8.88 2.02 2.12
C LEU C 88 8.47 2.39 3.52
N THR C 89 7.86 1.44 4.24
CA THR C 89 7.45 1.71 5.60
C THR C 89 8.17 0.72 6.49
N ILE C 90 8.82 1.22 7.53
CA ILE C 90 9.57 0.36 8.47
C ILE C 90 9.22 0.69 9.91
N VAL C 91 8.52 -0.21 10.59
CA VAL C 91 8.17 0.00 11.98
C VAL C 91 9.35 -0.56 12.78
N ASP C 92 10.37 0.28 12.96
CA ASP C 92 11.58 -0.12 13.65
C ASP C 92 11.56 0.14 15.12
N ASP C 93 10.59 -0.42 15.81
CA ASP C 93 10.53 -0.24 17.24
C ASP C 93 11.77 -0.92 17.84
N TYR C 94 12.33 -1.85 17.09
CA TYR C 94 13.56 -2.54 17.47
C TYR C 94 14.38 -2.68 16.20
N THR C 95 15.52 -3.35 16.31
CA THR C 95 16.41 -3.49 15.17
C THR C 95 15.90 -4.08 13.86
N VAL C 96 16.41 -3.51 12.78
CA VAL C 96 16.05 -3.92 11.45
C VAL C 96 17.38 -3.84 10.71
N THR C 97 17.85 -4.99 10.23
CA THR C 97 19.11 -5.04 9.51
C THR C 97 18.92 -5.45 8.07
N ILE C 98 19.45 -4.62 7.17
CA ILE C 98 19.39 -4.86 5.74
C ILE C 98 20.83 -4.99 5.20
N GLY C 99 21.09 -6.07 4.46
CA GLY C 99 22.41 -6.30 3.90
C GLY C 99 22.79 -5.43 2.70
N ASP C 100 23.72 -5.93 1.88
CA ASP C 100 24.21 -5.21 0.71
C ASP C 100 23.45 -5.55 -0.57
N ASN C 101 23.45 -4.60 -1.49
CA ASN C 101 22.78 -4.77 -2.77
C ASN C 101 21.36 -5.26 -2.70
N VAL C 102 20.62 -4.72 -1.72
CA VAL C 102 19.21 -5.07 -1.52
C VAL C 102 18.39 -4.09 -2.35
N LEU C 103 17.43 -4.61 -3.11
CA LEU C 103 16.57 -3.80 -3.95
C LEU C 103 15.13 -3.89 -3.44
N ILE C 104 14.53 -2.76 -3.11
CA ILE C 104 13.14 -2.82 -2.67
C ILE C 104 12.22 -2.07 -3.58
N ALA C 105 11.18 -2.79 -4.00
CA ALA C 105 10.16 -2.27 -4.89
C ALA C 105 9.27 -1.31 -4.10
N PRO C 106 8.35 -0.61 -4.79
CA PRO C 106 7.49 0.32 -4.07
C PRO C 106 6.40 -0.26 -3.15
N ASN C 107 6.11 0.45 -2.06
CA ASN C 107 5.06 0.08 -1.11
C ASN C 107 5.29 -1.15 -0.27
N VAL C 108 6.49 -1.30 0.25
CA VAL C 108 6.83 -2.46 1.07
C VAL C 108 6.68 -2.07 2.52
N THR C 109 6.24 -3.00 3.36
CA THR C 109 6.11 -2.72 4.80
C THR C 109 6.92 -3.69 5.66
N LEU C 110 7.80 -3.15 6.48
CA LEU C 110 8.62 -3.97 7.37
C LEU C 110 8.23 -3.64 8.80
N SER C 111 7.77 -4.64 9.54
CA SER C 111 7.40 -4.39 10.92
C SER C 111 7.98 -5.41 11.90
N VAL C 112 8.86 -4.96 12.77
CA VAL C 112 9.45 -5.83 13.78
C VAL C 112 8.43 -5.93 14.92
N THR C 113 7.40 -5.10 14.87
CA THR C 113 6.39 -5.09 15.93
C THR C 113 5.07 -5.78 15.61
N GLY C 114 4.45 -6.34 16.63
CA GLY C 114 3.19 -7.02 16.46
C GLY C 114 2.47 -6.94 17.79
N HIS C 115 1.19 -7.28 17.84
CA HIS C 115 0.46 -7.22 19.10
C HIS C 115 -0.16 -8.54 19.54
N PRO C 116 -0.16 -8.77 20.84
CA PRO C 116 -0.76 -9.98 21.37
C PRO C 116 -2.17 -10.03 20.84
N VAL C 117 -2.36 -11.15 20.17
CA VAL C 117 -3.62 -11.45 19.56
C VAL C 117 -4.74 -11.40 20.64
N HIS C 118 -4.53 -11.89 21.88
CA HIS C 118 -5.59 -11.84 22.92
C HIS C 118 -5.76 -10.41 23.44
N HIS C 119 -6.95 -9.84 23.24
CA HIS C 119 -7.19 -8.46 23.65
C HIS C 119 -6.81 -8.16 25.09
N GLU C 120 -7.03 -9.11 25.98
CA GLU C 120 -6.68 -8.89 27.37
C GLU C 120 -5.18 -8.60 27.52
N LEU C 121 -4.37 -9.12 26.59
CA LEU C 121 -2.94 -8.92 26.63
C LEU C 121 -2.51 -7.63 25.97
N ARG C 122 -3.45 -6.82 25.50
CA ARG C 122 -3.08 -5.57 24.86
C ARG C 122 -3.95 -4.35 25.27
N LYS C 123 -4.72 -4.44 26.36
CA LYS C 123 -5.56 -3.32 26.79
C LYS C 123 -4.93 -1.94 26.57
N ASN C 124 -3.63 -1.87 26.83
CA ASN C 124 -2.86 -0.64 26.68
C ASN C 124 -1.97 -0.70 25.44
N GLY C 125 -2.53 -1.28 24.39
CA GLY C 125 -1.84 -1.43 23.12
C GLY C 125 -0.41 -1.81 23.40
N GLU C 126 -0.26 -2.99 23.96
CA GLU C 126 1.02 -3.51 24.30
C GLU C 126 1.54 -4.29 23.13
N MET C 127 2.83 -4.18 22.90
CA MET C 127 3.37 -4.84 21.75
C MET C 127 4.68 -5.54 22.03
N TYR C 128 5.17 -6.30 21.05
CA TYR C 128 6.44 -7.01 21.17
C TYR C 128 7.19 -6.67 19.89
N SER C 129 8.52 -6.81 19.93
CA SER C 129 9.33 -6.52 18.76
C SER C 129 10.44 -7.50 18.59
N PHE C 130 10.56 -8.07 17.39
CA PHE C 130 11.62 -9.02 17.11
C PHE C 130 12.31 -8.54 15.85
N PRO C 131 13.66 -8.36 15.94
CA PRO C 131 14.48 -7.93 14.79
C PRO C 131 14.15 -8.63 13.48
N ILE C 132 14.46 -7.94 12.38
CA ILE C 132 14.24 -8.47 11.05
C ILE C 132 15.58 -8.39 10.35
N THR C 133 15.97 -9.48 9.71
CA THR C 133 17.26 -9.54 9.04
C THR C 133 17.05 -9.87 7.58
N ILE C 134 17.51 -8.98 6.68
CA ILE C 134 17.38 -9.17 5.24
C ILE C 134 18.78 -9.38 4.70
N GLY C 135 19.05 -10.54 4.14
CA GLY C 135 20.37 -10.78 3.62
C GLY C 135 20.84 -9.87 2.50
N ASN C 136 21.97 -10.21 1.90
CA ASN C 136 22.50 -9.44 0.80
C ASN C 136 21.87 -9.86 -0.50
N ASN C 137 21.80 -8.92 -1.43
CA ASN C 137 21.29 -9.21 -2.77
C ASN C 137 19.88 -9.74 -2.75
N VAL C 138 19.06 -9.26 -1.82
CA VAL C 138 17.69 -9.71 -1.74
C VAL C 138 16.89 -8.74 -2.56
N TRP C 139 15.81 -9.22 -3.15
CA TRP C 139 14.94 -8.37 -3.94
C TRP C 139 13.55 -8.63 -3.45
N ILE C 140 12.92 -7.58 -2.93
CA ILE C 140 11.56 -7.68 -2.42
C ILE C 140 10.60 -7.00 -3.40
N GLY C 141 9.58 -7.73 -3.84
CA GLY C 141 8.62 -7.16 -4.76
C GLY C 141 7.67 -6.17 -4.12
N SER C 142 6.79 -5.57 -4.92
CA SER C 142 5.82 -4.60 -4.44
C SER C 142 4.75 -5.18 -3.53
N HIS C 143 4.27 -4.34 -2.62
CA HIS C 143 3.23 -4.70 -1.65
C HIS C 143 3.55 -5.92 -0.80
N VAL C 144 4.83 -6.10 -0.50
CA VAL C 144 5.23 -7.21 0.32
C VAL C 144 5.16 -6.74 1.75
N VAL C 145 4.82 -7.65 2.64
CA VAL C 145 4.78 -7.34 4.06
C VAL C 145 5.68 -8.35 4.78
N ILE C 146 6.63 -7.85 5.54
CA ILE C 146 7.54 -8.70 6.30
C ILE C 146 7.27 -8.49 7.79
N ASN C 147 6.79 -9.55 8.42
CA ASN C 147 6.44 -9.56 9.83
C ASN C 147 7.59 -9.69 10.81
N PRO C 148 7.30 -9.53 12.10
CA PRO C 148 8.34 -9.63 13.12
C PRO C 148 9.24 -10.88 13.17
N GLY C 149 10.50 -10.63 13.51
CA GLY C 149 11.50 -11.67 13.66
C GLY C 149 11.74 -12.58 12.49
N VAL C 150 11.59 -12.04 11.29
CA VAL C 150 11.78 -12.82 10.09
C VAL C 150 13.18 -12.56 9.52
N THR C 151 13.79 -13.61 8.97
CA THR C 151 15.11 -13.52 8.37
C THR C 151 14.97 -13.89 6.90
N ILE C 152 15.37 -13.00 6.01
CA ILE C 152 15.32 -13.29 4.59
C ILE C 152 16.76 -13.60 4.20
N GLY C 153 16.97 -14.83 3.75
CA GLY C 153 18.30 -15.27 3.36
C GLY C 153 18.91 -14.51 2.20
N ASP C 154 20.22 -14.70 2.01
CA ASP C 154 20.99 -14.07 0.95
C ASP C 154 20.54 -14.48 -0.44
N ASN C 155 20.56 -13.52 -1.36
CA ASN C 155 20.20 -13.75 -2.74
C ASN C 155 18.77 -14.16 -3.01
N SER C 156 17.92 -14.19 -1.99
CA SER C 156 16.54 -14.60 -2.22
C SER C 156 15.63 -13.51 -2.84
N VAL C 157 14.49 -13.93 -3.38
CA VAL C 157 13.54 -13.00 -3.97
C VAL C 157 12.14 -13.26 -3.39
N ILE C 158 11.46 -12.19 -3.03
CA ILE C 158 10.12 -12.29 -2.48
C ILE C 158 9.20 -11.66 -3.52
N GLY C 159 8.30 -12.47 -4.04
CA GLY C 159 7.37 -11.99 -5.04
C GLY C 159 6.47 -10.89 -4.56
N ALA C 160 5.90 -10.15 -5.51
CA ALA C 160 5.02 -9.07 -5.18
C ALA C 160 3.87 -9.57 -4.37
N GLY C 161 3.48 -8.81 -3.35
CA GLY C 161 2.34 -9.18 -2.54
C GLY C 161 2.46 -10.25 -1.49
N SER C 162 3.62 -10.89 -1.40
CA SER C 162 3.76 -11.94 -0.39
C SER C 162 3.70 -11.34 1.00
N ILE C 163 3.21 -12.16 1.93
CA ILE C 163 3.10 -11.78 3.33
C ILE C 163 4.05 -12.77 4.00
N VAL C 164 5.26 -12.31 4.29
CA VAL C 164 6.29 -13.12 4.90
C VAL C 164 6.16 -13.21 6.41
N THR C 165 5.69 -14.37 6.88
CA THR C 165 5.48 -14.62 8.30
C THR C 165 6.60 -15.46 8.90
N LYS C 166 7.22 -16.32 8.10
CA LYS C 166 8.30 -17.19 8.54
C LYS C 166 9.56 -16.87 7.78
N ASP C 167 10.71 -17.32 8.28
CA ASP C 167 12.00 -17.07 7.63
C ASP C 167 12.05 -17.70 6.26
N ILE C 168 12.84 -17.09 5.38
CA ILE C 168 12.99 -17.58 4.02
C ILE C 168 14.43 -18.03 3.85
N PRO C 169 14.66 -19.23 3.31
CA PRO C 169 16.05 -19.68 3.13
C PRO C 169 16.73 -18.91 2.04
N PRO C 170 18.06 -18.95 2.01
CA PRO C 170 18.75 -18.22 0.96
C PRO C 170 18.55 -18.88 -0.39
N ASN C 171 18.92 -18.17 -1.46
CA ASN C 171 18.80 -18.67 -2.82
C ASN C 171 17.46 -19.26 -3.25
N VAL C 172 16.37 -18.71 -2.77
CA VAL C 172 15.08 -19.22 -3.20
C VAL C 172 14.22 -18.08 -3.74
N VAL C 173 13.07 -18.44 -4.24
CA VAL C 173 12.10 -17.49 -4.76
C VAL C 173 10.87 -17.86 -3.97
N ALA C 174 10.41 -16.92 -3.15
CA ALA C 174 9.23 -17.15 -2.33
C ALA C 174 8.18 -16.14 -2.73
N ALA C 175 6.92 -16.54 -2.61
CA ALA C 175 5.78 -15.68 -2.93
C ALA C 175 4.56 -16.33 -2.33
N GLY C 176 3.47 -15.57 -2.25
CA GLY C 176 2.25 -16.09 -1.70
C GLY C 176 1.79 -15.45 -0.41
N VAL C 177 0.55 -15.74 -0.03
CA VAL C 177 -0.06 -15.24 1.20
C VAL C 177 -0.66 -16.45 1.91
N PRO C 178 0.08 -17.02 2.88
CA PRO C 178 1.40 -16.54 3.30
C PRO C 178 2.51 -16.98 2.38
N CYS C 179 3.61 -16.24 2.46
CA CYS C 179 4.78 -16.49 1.63
C CYS C 179 5.30 -17.89 1.83
N ARG C 180 5.57 -18.56 0.72
CA ARG C 180 6.10 -19.92 0.75
C ARG C 180 7.15 -20.03 -0.32
N VAL C 181 8.14 -20.89 -0.10
CA VAL C 181 9.19 -21.06 -1.09
C VAL C 181 8.62 -21.71 -2.34
N ILE C 182 8.84 -21.07 -3.48
CA ILE C 182 8.36 -21.57 -4.76
C ILE C 182 9.36 -22.59 -5.29
N ARG C 183 10.60 -22.18 -5.38
CA ARG C 183 11.64 -23.05 -5.90
C ARG C 183 12.97 -22.47 -5.50
N GLU C 184 14.06 -23.14 -5.87
CA GLU C 184 15.38 -22.64 -5.56
C GLU C 184 15.92 -21.99 -6.82
N ILE C 185 16.76 -20.97 -6.65
CA ILE C 185 17.33 -20.28 -7.78
C ILE C 185 18.47 -21.11 -8.40
N ASN C 186 18.15 -21.79 -9.49
CA ASN C 186 19.12 -22.63 -10.17
C ASN C 186 19.94 -21.86 -11.17
N ASP C 187 20.53 -22.57 -12.12
CA ASP C 187 21.38 -21.96 -13.12
C ASP C 187 20.63 -21.57 -14.36
N ARG C 188 19.40 -22.06 -14.50
CA ARG C 188 18.59 -21.69 -15.66
C ARG C 188 18.35 -20.18 -15.55
N ASP C 189 18.27 -19.71 -14.30
CA ASP C 189 18.06 -18.31 -13.96
C ASP C 189 19.22 -17.45 -14.39
N LYS C 190 20.30 -18.12 -14.78
CA LYS C 190 21.49 -17.43 -15.24
C LYS C 190 21.33 -17.06 -16.71
N HIS C 191 20.31 -17.62 -17.36
CA HIS C 191 20.10 -17.35 -18.78
C HIS C 191 18.76 -16.66 -19.01
N TYR C 192 17.72 -17.22 -18.40
CA TYR C 192 16.38 -16.66 -18.49
C TYR C 192 16.21 -15.71 -17.34
N TYR C 193 15.88 -14.46 -17.64
CA TYR C 193 15.68 -13.45 -16.59
C TYR C 193 14.21 -13.12 -16.35
N PHE C 194 13.35 -13.37 -17.34
CA PHE C 194 11.93 -13.10 -17.19
C PHE C 194 11.12 -13.97 -18.15
N LYS C 195 9.88 -14.27 -17.77
CA LYS C 195 9.08 -15.20 -18.54
C LYS C 195 9.94 -16.03 -19.54
N ASP C 196 10.01 -15.78 -20.84
CA ASP C 196 10.86 -16.65 -21.70
C ASP C 196 12.02 -15.96 -22.44
N TYR C 197 12.61 -14.96 -21.83
CA TYR C 197 13.67 -14.20 -22.48
C TYR C 197 15.08 -14.57 -22.00
N LYS C 198 15.95 -14.97 -22.93
CA LYS C 198 17.33 -15.34 -22.62
C LYS C 198 18.27 -14.13 -22.70
N VAL C 199 19.57 -14.32 -22.43
CA VAL C 199 20.52 -13.22 -22.46
C VAL C 199 21.24 -13.00 -23.80
N GLU C 200 21.54 -14.10 -24.48
CA GLU C 200 22.21 -14.06 -25.78
C GLU C 200 21.43 -15.06 -26.68
N SER C 201 21.08 -14.71 -27.93
CA SER C 201 20.28 -15.67 -28.74
C SER C 201 19.99 -15.33 -30.22
#